data_8OGM
#
_entry.id   8OGM
#
_cell.length_a   119.360
_cell.length_b   39.480
_cell.length_c   68.230
_cell.angle_alpha   90.000
_cell.angle_beta   95.370
_cell.angle_gamma   90.000
#
_symmetry.space_group_name_H-M   'C 1 2 1'
#
loop_
_entity.id
_entity.type
_entity.pdbx_description
1 polymer 'Cyclic di-AMP synthase CdaA'
2 water water
#
_entity_poly.entity_id   1
_entity_poly.type   'polypeptide(L)'
_entity_poly.pdbx_seq_one_letter_code
;GPTPVEEAQQKTIEAITKAINYMAKRRIGALLTIERDTGMGDYIETGIPLNAKVSSELLINIFIPNTPLHDGAVIMKNNE
IAAAACYLPLSESPFISKELGTRHRAAVGISEVTDSLTIIVSEETGGVSVAKNGDLHRELTEEALKEMLEAEFK
;
_entity_poly.pdbx_strand_id   A,B
#
# COMPACT_ATOMS: atom_id res chain seq x y z
N THR A 3 24.48 -8.82 -12.82
CA THR A 3 24.59 -7.36 -12.95
C THR A 3 23.58 -6.68 -12.03
N PRO A 4 23.70 -5.36 -11.79
CA PRO A 4 22.68 -4.65 -11.00
C PRO A 4 21.25 -4.81 -11.55
N VAL A 5 21.06 -4.69 -12.85
CA VAL A 5 19.72 -4.85 -13.43
C VAL A 5 19.19 -6.27 -13.17
N GLU A 6 20.05 -7.28 -13.32
CA GLU A 6 19.62 -8.65 -13.07
C GLU A 6 19.26 -8.87 -11.61
N GLU A 7 20.05 -8.31 -10.69
CA GLU A 7 19.73 -8.46 -9.27
C GLU A 7 18.40 -7.80 -8.95
N ALA A 8 18.12 -6.64 -9.55
CA ALA A 8 16.85 -5.97 -9.29
C ALA A 8 15.65 -6.76 -9.82
N GLN A 9 15.77 -7.36 -11.01
CA GLN A 9 14.71 -8.20 -11.52
C GLN A 9 14.48 -9.39 -10.60
N GLN A 10 15.56 -9.96 -10.08
CA GLN A 10 15.40 -11.13 -9.21
C GLN A 10 14.73 -10.73 -7.91
N LYS A 11 15.12 -9.60 -7.33
CA LYS A 11 14.47 -9.14 -6.11
C LYS A 11 12.96 -8.98 -6.32
N THR A 12 12.57 -8.44 -7.47
CA THR A 12 11.15 -8.26 -7.76
C THR A 12 10.43 -9.60 -7.89
N ILE A 13 11.03 -10.55 -8.60
CA ILE A 13 10.45 -11.88 -8.72
C ILE A 13 10.25 -12.49 -7.34
N GLU A 14 11.24 -12.34 -6.46
CA GLU A 14 11.15 -12.93 -5.11
C GLU A 14 10.01 -12.28 -4.33
N ALA A 15 9.82 -10.98 -4.50
CA ALA A 15 8.77 -10.26 -3.79
C ALA A 15 7.41 -10.72 -4.27
N ILE A 16 7.22 -10.81 -5.59
CA ILE A 16 5.96 -11.29 -6.16
C ILE A 16 5.68 -12.70 -5.65
N THR A 17 6.63 -13.60 -5.77
CA THR A 17 6.35 -14.99 -5.42
C THR A 17 6.04 -15.11 -3.92
N LYS A 18 6.74 -14.37 -3.05
CA LYS A 18 6.41 -14.42 -1.62
C LYS A 18 4.99 -13.93 -1.36
N ALA A 19 4.56 -12.87 -2.03
CA ALA A 19 3.20 -12.38 -1.85
C ALA A 19 2.19 -13.40 -2.35
N ILE A 20 2.43 -13.94 -3.56
CA ILE A 20 1.53 -14.92 -4.14
C ILE A 20 1.39 -16.13 -3.22
N ASN A 21 2.50 -16.61 -2.65
CA ASN A 21 2.43 -17.78 -1.77
C ASN A 21 1.55 -17.50 -0.55
N TYR A 22 1.69 -16.31 0.04
CA TYR A 22 0.92 -15.94 1.22
C TYR A 22 -0.55 -15.92 0.87
N MET A 23 -0.92 -15.30 -0.26
CA MET A 23 -2.30 -15.16 -0.69
C MET A 23 -2.89 -16.53 -1.05
N ALA A 24 -2.12 -17.39 -1.71
CA ALA A 24 -2.62 -18.70 -2.08
C ALA A 24 -3.01 -19.47 -0.83
N LYS A 25 -2.14 -19.46 0.19
CA LYS A 25 -2.36 -20.20 1.45
C LYS A 25 -3.63 -19.74 2.14
N ARG A 26 -3.96 -18.46 2.04
CA ARG A 26 -5.10 -17.88 2.73
C ARG A 26 -6.30 -17.70 1.82
N ARG A 27 -6.20 -18.15 0.57
CA ARG A 27 -7.24 -18.04 -0.43
C ARG A 27 -7.77 -16.61 -0.52
N ILE A 28 -6.81 -15.69 -0.66
CA ILE A 28 -7.06 -14.28 -0.94
C ILE A 28 -7.01 -14.10 -2.45
N GLY A 29 -8.12 -13.64 -3.02
CA GLY A 29 -8.14 -13.37 -4.45
C GLY A 29 -7.20 -12.26 -4.80
N ALA A 30 -6.53 -12.39 -5.95
CA ALA A 30 -5.55 -11.39 -6.34
C ALA A 30 -5.42 -11.41 -7.84
N LEU A 31 -4.99 -10.26 -8.38
CA LEU A 31 -4.91 -10.03 -9.82
C LEU A 31 -3.74 -9.08 -10.02
N LEU A 32 -2.66 -9.54 -10.60
CA LEU A 32 -1.41 -8.81 -10.72
C LEU A 32 -0.90 -8.89 -12.15
N THR A 33 -0.90 -7.78 -12.86
CA THR A 33 -0.51 -7.72 -14.27
C THR A 33 0.85 -7.03 -14.37
N ILE A 34 1.77 -7.66 -15.09
CA ILE A 34 3.09 -7.12 -15.37
C ILE A 34 3.13 -6.63 -16.80
N GLU A 35 3.25 -5.30 -16.94
CA GLU A 35 3.29 -4.67 -18.24
C GLU A 35 4.61 -5.03 -18.89
N ARG A 36 4.56 -5.32 -20.20
CA ARG A 36 5.74 -5.68 -20.97
C ARG A 36 5.90 -4.67 -22.08
N ASP A 37 5.93 -5.09 -23.36
CA ASP A 37 6.17 -4.12 -24.42
C ASP A 37 4.93 -3.31 -24.80
N THR A 38 3.74 -3.89 -24.67
CA THR A 38 2.53 -3.14 -25.00
C THR A 38 2.21 -2.24 -23.82
N GLY A 39 2.14 -0.94 -24.08
CA GLY A 39 1.84 -0.01 -23.02
C GLY A 39 0.41 -0.17 -22.50
N MET A 40 0.27 -0.05 -21.19
CA MET A 40 -1.00 -0.24 -20.50
C MET A 40 -1.45 1.03 -19.77
N GLY A 41 -0.97 2.18 -20.22
CA GLY A 41 -1.28 3.41 -19.53
C GLY A 41 -2.77 3.68 -19.38
N ASP A 42 -3.58 3.27 -20.35
CA ASP A 42 -5.01 3.51 -20.27
C ASP A 42 -5.65 2.67 -19.16
N TYR A 43 -5.12 1.49 -18.88
CA TYR A 43 -5.62 0.70 -17.76
C TYR A 43 -5.05 1.17 -16.43
N ILE A 44 -3.76 1.54 -16.40
CA ILE A 44 -3.15 2.10 -15.19
C ILE A 44 -3.96 3.28 -14.69
N GLU A 45 -4.44 4.09 -15.63
CA GLU A 45 -5.10 5.35 -15.29
C GLU A 45 -6.43 5.11 -14.60
N THR A 46 -7.06 3.93 -14.79
CA THR A 46 -8.32 3.62 -14.13
C THR A 46 -8.20 3.29 -12.65
N GLY A 47 -7.00 3.04 -12.12
CA GLY A 47 -6.82 2.65 -10.74
C GLY A 47 -6.36 3.81 -9.87
N ILE A 48 -5.90 3.43 -8.68
CA ILE A 48 -5.37 4.39 -7.72
C ILE A 48 -3.86 4.49 -7.95
N PRO A 49 -3.32 5.68 -8.26
CA PRO A 49 -1.88 5.77 -8.54
C PRO A 49 -1.07 5.44 -7.30
N LEU A 50 0.00 4.65 -7.46
CA LEU A 50 0.95 4.34 -6.42
C LEU A 50 2.38 4.70 -6.78
N ASN A 51 2.87 4.25 -7.93
CA ASN A 51 4.27 4.35 -8.32
C ASN A 51 5.18 4.01 -7.16
N ALA A 52 4.90 2.86 -6.57
CA ALA A 52 5.58 2.41 -5.36
C ALA A 52 6.64 1.35 -5.62
N LYS A 53 7.63 1.32 -4.75
CA LYS A 53 8.59 0.22 -4.70
C LYS A 53 7.84 -1.08 -4.50
N VAL A 54 8.31 -2.12 -5.17
CA VAL A 54 7.74 -3.45 -4.96
C VAL A 54 8.24 -4.00 -3.65
N SER A 55 7.33 -4.58 -2.88
CA SER A 55 7.72 -5.42 -1.75
C SER A 55 6.61 -6.44 -1.58
N SER A 56 6.94 -7.59 -1.02
CA SER A 56 5.89 -8.57 -0.76
C SER A 56 4.89 -8.01 0.23
N GLU A 57 5.37 -7.22 1.21
CA GLU A 57 4.49 -6.65 2.23
C GLU A 57 3.46 -5.75 1.60
N LEU A 58 3.88 -4.87 0.66
CA LEU A 58 2.92 -3.96 0.06
C LEU A 58 1.90 -4.71 -0.81
N LEU A 59 2.37 -5.70 -1.58
CA LEU A 59 1.43 -6.48 -2.39
C LEU A 59 0.38 -7.16 -1.53
N ILE A 60 0.80 -7.76 -0.43
CA ILE A 60 -0.17 -8.41 0.48
C ILE A 60 -1.13 -7.38 1.07
N ASN A 61 -0.62 -6.24 1.55
CA ASN A 61 -1.49 -5.20 2.10
C ASN A 61 -2.50 -4.67 1.08
N ILE A 62 -2.15 -4.60 -0.22
CA ILE A 62 -3.10 -4.16 -1.23
C ILE A 62 -4.32 -5.09 -1.31
N PHE A 63 -4.05 -6.40 -1.35
CA PHE A 63 -5.10 -7.38 -1.66
C PHE A 63 -5.93 -7.83 -0.44
N ILE A 64 -5.83 -7.18 0.69
CA ILE A 64 -6.62 -7.66 1.82
C ILE A 64 -8.11 -7.53 1.50
N PRO A 65 -8.91 -8.56 1.72
CA PRO A 65 -10.32 -8.46 1.38
C PRO A 65 -11.03 -7.33 2.13
N ASN A 66 -11.97 -6.68 1.47
CA ASN A 66 -12.75 -5.58 2.05
C ASN A 66 -11.94 -4.35 2.45
N THR A 67 -10.96 -4.01 1.65
CA THR A 67 -10.14 -2.83 1.83
C THR A 67 -10.25 -1.97 0.58
N PRO A 68 -9.87 -0.69 0.66
CA PRO A 68 -9.98 0.19 -0.52
C PRO A 68 -9.30 -0.30 -1.81
N LEU A 69 -8.19 -1.01 -1.72
CA LEU A 69 -7.34 -1.29 -2.87
C LEU A 69 -7.51 -2.68 -3.47
N HIS A 70 -8.32 -3.54 -2.88
CA HIS A 70 -8.33 -4.94 -3.30
C HIS A 70 -9.18 -5.20 -4.52
N ASP A 71 -10.02 -4.25 -4.96
CA ASP A 71 -11.05 -4.52 -5.95
C ASP A 71 -10.58 -4.13 -7.35
N GLY A 72 -9.78 -5.00 -7.93
CA GLY A 72 -9.21 -4.75 -9.24
C GLY A 72 -7.79 -5.28 -9.32
N ALA A 73 -7.13 -4.86 -10.39
CA ALA A 73 -5.80 -5.35 -10.69
C ALA A 73 -4.73 -4.40 -10.18
N VAL A 74 -3.66 -4.96 -9.71
CA VAL A 74 -2.39 -4.26 -9.60
C VAL A 74 -1.67 -4.35 -10.93
N ILE A 75 -1.17 -3.22 -11.42
CA ILE A 75 -0.39 -3.19 -12.65
C ILE A 75 1.04 -2.77 -12.25
N MET A 76 2.01 -3.57 -12.61
CA MET A 76 3.42 -3.29 -12.41
C MET A 76 4.07 -2.84 -13.71
N LYS A 77 4.97 -1.89 -13.61
CA LYS A 77 5.64 -1.28 -14.75
C LYS A 77 6.98 -0.75 -14.29
N ASN A 78 8.02 -1.04 -15.05
CA ASN A 78 9.37 -0.55 -14.75
C ASN A 78 9.80 -0.85 -13.32
N ASN A 79 9.52 -2.07 -12.86
CA ASN A 79 10.00 -2.56 -11.56
C ASN A 79 9.33 -1.87 -10.37
N GLU A 80 8.16 -1.26 -10.60
CA GLU A 80 7.40 -0.57 -9.57
C GLU A 80 5.94 -1.01 -9.69
N ILE A 81 5.19 -0.81 -8.61
CA ILE A 81 3.75 -0.91 -8.65
C ILE A 81 3.18 0.41 -9.16
N ALA A 82 2.65 0.45 -10.36
CA ALA A 82 2.14 1.68 -10.94
C ALA A 82 0.84 2.10 -10.28
N ALA A 83 -0.10 1.17 -10.17
CA ALA A 83 -1.45 1.48 -9.69
C ALA A 83 -2.08 0.20 -9.17
N ALA A 84 -3.06 0.37 -8.29
CA ALA A 84 -3.90 -0.71 -7.79
C ALA A 84 -5.37 -0.43 -8.12
N ALA A 85 -6.16 -1.48 -7.99
CA ALA A 85 -7.61 -1.39 -8.21
C ALA A 85 -7.92 -0.94 -9.63
N CYS A 86 -7.13 -1.43 -10.59
CA CYS A 86 -7.34 -1.08 -11.98
C CYS A 86 -8.36 -2.00 -12.68
N TYR A 87 -9.08 -1.41 -13.64
CA TYR A 87 -9.92 -2.16 -14.55
C TYR A 87 -9.09 -2.92 -15.58
N LEU A 88 -9.49 -4.16 -15.84
CA LEU A 88 -9.01 -4.94 -16.97
C LEU A 88 -10.24 -5.43 -17.73
N PRO A 89 -10.15 -5.54 -19.05
CA PRO A 89 -11.32 -5.96 -19.83
C PRO A 89 -11.62 -7.45 -19.67
N LEU A 90 -12.91 -7.79 -19.59
CA LEU A 90 -13.31 -9.19 -19.49
C LEU A 90 -13.20 -9.93 -20.81
N SER A 91 -12.57 -11.08 -20.79
CA SER A 91 -12.54 -11.96 -21.97
C SER A 91 -13.94 -12.52 -22.25
N GLU A 92 -14.27 -12.65 -23.53
CA GLU A 92 -15.45 -13.37 -24.00
C GLU A 92 -15.08 -14.75 -24.52
N SER A 93 -13.86 -15.23 -24.23
CA SER A 93 -13.45 -16.53 -24.75
C SER A 93 -14.39 -17.61 -24.23
N PRO A 94 -14.86 -18.53 -25.07
CA PRO A 94 -15.64 -19.66 -24.57
C PRO A 94 -14.80 -20.80 -24.05
N PHE A 95 -13.48 -20.65 -24.00
CA PHE A 95 -12.54 -21.72 -23.68
C PHE A 95 -11.86 -21.56 -22.35
N ILE A 96 -12.41 -20.73 -21.50
CA ILE A 96 -12.01 -20.62 -20.10
C ILE A 96 -12.86 -21.61 -19.32
N SER A 97 -12.25 -22.27 -18.35
CA SER A 97 -12.99 -23.17 -17.48
C SER A 97 -14.22 -22.49 -16.92
N LYS A 98 -15.36 -23.19 -17.00
CA LYS A 98 -16.65 -22.58 -16.72
C LYS A 98 -16.85 -22.28 -15.24
N GLU A 99 -16.03 -22.90 -14.38
CA GLU A 99 -16.10 -22.65 -12.93
C GLU A 99 -15.47 -21.32 -12.55
N LEU A 100 -14.68 -20.72 -13.43
CA LEU A 100 -13.92 -19.53 -13.11
C LEU A 100 -14.72 -18.27 -13.34
N GLY A 101 -14.44 -17.27 -12.51
CA GLY A 101 -15.22 -16.05 -12.53
C GLY A 101 -14.51 -14.87 -13.13
N THR A 102 -14.92 -13.68 -12.70
CA THR A 102 -14.53 -12.45 -13.38
C THR A 102 -13.05 -12.13 -13.23
N ARG A 103 -12.42 -12.52 -12.12
CA ARG A 103 -11.00 -12.25 -11.95
C ARG A 103 -10.18 -12.93 -13.03
N HIS A 104 -10.46 -14.20 -13.27
CA HIS A 104 -9.77 -14.94 -14.31
C HIS A 104 -10.13 -14.43 -15.70
N ARG A 105 -11.40 -14.10 -15.92
CA ARG A 105 -11.84 -13.58 -17.24
C ARG A 105 -11.13 -12.23 -17.47
N ALA A 106 -10.90 -11.41 -16.45
CA ALA A 106 -10.23 -10.13 -16.65
C ALA A 106 -8.76 -10.35 -16.99
N ALA A 107 -8.12 -11.29 -16.33
CA ALA A 107 -6.72 -11.61 -16.64
C ALA A 107 -6.61 -12.08 -18.09
N VAL A 108 -7.48 -13.02 -18.50
CA VAL A 108 -7.41 -13.49 -19.87
C VAL A 108 -7.69 -12.35 -20.83
N GLY A 109 -8.64 -11.48 -20.49
CA GLY A 109 -8.99 -10.36 -21.33
C GLY A 109 -7.83 -9.41 -21.59
N ILE A 110 -7.11 -9.02 -20.55
CA ILE A 110 -5.97 -8.13 -20.84
C ILE A 110 -4.92 -8.86 -21.65
N SER A 111 -4.75 -10.18 -21.40
CA SER A 111 -3.75 -10.93 -22.15
C SER A 111 -4.09 -11.13 -23.62
N GLU A 112 -5.32 -10.83 -24.03
CA GLU A 112 -5.77 -10.90 -25.41
C GLU A 112 -5.36 -9.68 -26.20
N VAL A 113 -5.09 -8.56 -25.50
CA VAL A 113 -4.84 -7.28 -26.17
C VAL A 113 -3.51 -6.68 -25.78
N THR A 114 -2.68 -7.43 -25.06
CA THR A 114 -1.36 -6.98 -24.64
C THR A 114 -0.46 -8.21 -24.59
N ASP A 115 0.85 -7.98 -24.52
CA ASP A 115 1.83 -9.03 -24.28
C ASP A 115 2.14 -9.16 -22.79
N SER A 116 1.28 -8.66 -21.89
CA SER A 116 1.53 -8.69 -20.46
C SER A 116 1.39 -10.10 -19.93
N LEU A 117 1.93 -10.27 -18.75
CA LEU A 117 1.79 -11.50 -17.95
C LEU A 117 0.94 -11.14 -16.74
N THR A 118 -0.14 -11.89 -16.50
CA THR A 118 -0.99 -11.64 -15.31
C THR A 118 -1.06 -12.89 -14.44
N ILE A 119 -0.85 -12.71 -13.11
CA ILE A 119 -0.94 -13.75 -12.08
C ILE A 119 -2.32 -13.58 -11.44
N ILE A 120 -3.01 -14.70 -11.21
CA ILE A 120 -4.31 -14.72 -10.55
C ILE A 120 -4.23 -15.70 -9.40
N VAL A 121 -4.68 -15.29 -8.22
CA VAL A 121 -4.93 -16.22 -7.11
C VAL A 121 -6.43 -16.32 -6.93
N SER A 122 -6.94 -17.55 -6.92
CA SER A 122 -8.36 -17.80 -6.74
C SER A 122 -8.84 -17.63 -5.30
N GLU A 123 -9.89 -16.87 -5.09
CA GLU A 123 -10.49 -16.79 -3.76
C GLU A 123 -11.21 -18.08 -3.38
N GLU A 124 -11.56 -18.90 -4.36
CA GLU A 124 -12.27 -20.15 -4.10
C GLU A 124 -11.33 -21.24 -3.62
N THR A 125 -10.15 -21.37 -4.21
CA THR A 125 -9.28 -22.50 -3.97
C THR A 125 -7.88 -22.12 -3.54
N GLY A 126 -7.49 -20.87 -3.69
CA GLY A 126 -6.09 -20.49 -3.56
C GLY A 126 -5.21 -20.94 -4.70
N GLY A 127 -5.78 -21.51 -5.75
CA GLY A 127 -4.99 -21.90 -6.90
C GLY A 127 -4.39 -20.69 -7.59
N VAL A 128 -3.21 -20.88 -8.15
CA VAL A 128 -2.47 -19.83 -8.84
C VAL A 128 -2.44 -20.14 -10.31
N SER A 129 -2.74 -19.12 -11.12
CA SER A 129 -2.77 -19.23 -12.57
C SER A 129 -2.07 -18.03 -13.18
N VAL A 130 -1.74 -18.16 -14.47
CA VAL A 130 -1.12 -17.09 -15.24
C VAL A 130 -1.82 -16.99 -16.56
N ALA A 131 -2.17 -15.76 -16.98
CA ALA A 131 -2.74 -15.50 -18.26
C ALA A 131 -1.69 -14.81 -19.15
N LYS A 132 -1.56 -15.28 -20.37
CA LYS A 132 -0.67 -14.72 -21.35
C LYS A 132 -1.18 -15.12 -22.73
N ASN A 133 -1.16 -14.18 -23.65
CA ASN A 133 -1.48 -14.45 -25.07
C ASN A 133 -2.88 -15.05 -25.24
N GLY A 134 -3.81 -14.80 -24.34
CA GLY A 134 -5.19 -15.27 -24.45
C GLY A 134 -5.45 -16.62 -23.80
N ASP A 135 -4.44 -17.24 -23.22
CA ASP A 135 -4.52 -18.54 -22.56
C ASP A 135 -4.30 -18.39 -21.06
N LEU A 136 -4.98 -19.25 -20.34
CA LEU A 136 -4.87 -19.37 -18.90
C LEU A 136 -4.19 -20.66 -18.52
N HIS A 137 -3.10 -20.59 -17.77
CA HIS A 137 -2.28 -21.70 -17.31
C HIS A 137 -2.57 -21.91 -15.83
N ARG A 138 -3.28 -22.98 -15.52
CA ARG A 138 -3.90 -23.15 -14.24
C ARG A 138 -3.10 -24.06 -13.33
N GLU A 139 -3.41 -23.94 -12.02
CA GLU A 139 -2.96 -24.86 -11.00
C GLU A 139 -1.44 -24.98 -10.99
N LEU A 140 -0.79 -23.83 -10.93
CA LEU A 140 0.65 -23.77 -10.97
C LEU A 140 1.27 -24.12 -9.63
N THR A 141 2.37 -24.87 -9.66
CA THR A 141 3.20 -25.00 -8.48
C THR A 141 4.04 -23.72 -8.32
N GLU A 142 4.72 -23.62 -7.18
CA GLU A 142 5.56 -22.45 -6.94
C GLU A 142 6.70 -22.41 -7.95
N GLU A 143 7.29 -23.57 -8.24
CA GLU A 143 8.38 -23.66 -9.20
C GLU A 143 7.90 -23.24 -10.59
N ALA A 144 6.69 -23.65 -10.95
CA ALA A 144 6.13 -23.32 -12.26
C ALA A 144 5.93 -21.80 -12.40
N LEU A 145 5.43 -21.15 -11.36
CA LEU A 145 5.27 -19.70 -11.44
C LEU A 145 6.63 -19.01 -11.57
N LYS A 146 7.62 -19.46 -10.80
CA LYS A 146 8.93 -18.82 -10.87
C LYS A 146 9.52 -18.99 -12.26
N GLU A 147 9.38 -20.18 -12.85
CA GLU A 147 9.88 -20.38 -14.22
C GLU A 147 9.21 -19.41 -15.19
N MET A 148 7.90 -19.22 -15.07
CA MET A 148 7.21 -18.30 -15.96
C MET A 148 7.71 -16.88 -15.79
N LEU A 149 7.89 -16.43 -14.54
CA LEU A 149 8.41 -15.08 -14.32
C LEU A 149 9.82 -14.94 -14.86
N GLU A 150 10.67 -15.95 -14.67
CA GLU A 150 12.02 -15.87 -15.19
C GLU A 150 12.05 -15.95 -16.71
N ALA A 151 11.14 -16.71 -17.32
CA ALA A 151 11.14 -16.81 -18.77
C ALA A 151 10.69 -15.49 -19.35
N GLU A 152 9.70 -14.89 -18.69
CA GLU A 152 9.17 -13.61 -19.12
C GLU A 152 10.25 -12.54 -19.11
N PHE A 153 11.06 -12.52 -18.06
CA PHE A 153 12.06 -11.47 -17.86
C PHE A 153 13.39 -11.79 -18.54
N LYS A 154 13.54 -12.95 -19.16
CA LYS A 154 14.81 -13.30 -19.79
C LYS A 154 14.97 -12.48 -21.06
N PRO B 2 -4.19 29.05 -6.56
CA PRO B 2 -3.06 28.33 -5.94
C PRO B 2 -2.02 27.77 -6.92
N THR B 3 -0.76 27.74 -6.48
CA THR B 3 0.29 27.13 -7.27
C THR B 3 0.18 25.60 -7.24
N PRO B 4 0.86 24.90 -8.15
CA PRO B 4 0.85 23.43 -8.09
C PRO B 4 1.31 22.89 -6.75
N VAL B 5 2.33 23.48 -6.15
CA VAL B 5 2.80 23.05 -4.83
C VAL B 5 1.67 23.16 -3.80
N GLU B 6 0.95 24.29 -3.82
CA GLU B 6 -0.20 24.48 -2.94
C GLU B 6 -1.31 23.47 -3.20
N GLU B 7 -1.66 23.23 -4.47
CA GLU B 7 -2.68 22.25 -4.81
C GLU B 7 -2.27 20.87 -4.34
N ALA B 8 -0.98 20.52 -4.50
CA ALA B 8 -0.54 19.19 -4.12
C ALA B 8 -0.60 19.03 -2.61
N GLN B 9 -0.26 20.08 -1.88
CA GLN B 9 -0.34 19.99 -0.43
C GLN B 9 -1.76 19.78 0.02
N GLN B 10 -2.70 20.49 -0.61
CA GLN B 10 -4.08 20.35 -0.19
C GLN B 10 -4.60 18.95 -0.50
N LYS B 11 -4.21 18.36 -1.63
CA LYS B 11 -4.61 17.00 -1.93
C LYS B 11 -4.05 16.02 -0.90
N THR B 12 -2.82 16.22 -0.45
CA THR B 12 -2.22 15.39 0.57
C THR B 12 -2.98 15.50 1.89
N ILE B 13 -3.31 16.72 2.29
CA ILE B 13 -4.09 16.92 3.51
C ILE B 13 -5.43 16.22 3.40
N GLU B 14 -6.11 16.33 2.25
CA GLU B 14 -7.41 15.70 2.11
C GLU B 14 -7.28 14.18 2.19
N ALA B 15 -6.20 13.62 1.64
CA ALA B 15 -6.00 12.19 1.69
C ALA B 15 -5.76 11.74 3.13
N ILE B 16 -4.91 12.47 3.86
CA ILE B 16 -4.63 12.10 5.23
C ILE B 16 -5.89 12.18 6.06
N THR B 17 -6.65 13.28 5.94
CA THR B 17 -7.82 13.44 6.80
C THR B 17 -8.88 12.38 6.50
N LYS B 18 -9.07 12.03 5.22
CA LYS B 18 -10.05 11.01 4.89
C LYS B 18 -9.63 9.67 5.51
N ALA B 19 -8.35 9.36 5.48
CA ALA B 19 -7.88 8.10 6.02
C ALA B 19 -8.05 8.09 7.53
N ILE B 20 -7.62 9.16 8.21
CA ILE B 20 -7.69 9.23 9.66
C ILE B 20 -9.15 9.09 10.10
N ASN B 21 -10.06 9.81 9.42
CA ASN B 21 -11.48 9.75 9.78
C ASN B 21 -12.01 8.33 9.67
N TYR B 22 -11.65 7.64 8.60
CA TYR B 22 -12.10 6.27 8.40
C TYR B 22 -11.59 5.36 9.51
N MET B 23 -10.31 5.48 9.82
CA MET B 23 -9.71 4.63 10.84
C MET B 23 -10.27 4.94 12.23
N ALA B 24 -10.49 6.21 12.53
CA ALA B 24 -11.07 6.58 13.83
C ALA B 24 -12.44 5.94 14.02
N LYS B 25 -13.29 5.96 12.99
CA LYS B 25 -14.63 5.40 13.14
C LYS B 25 -14.58 3.90 13.37
N ARG B 26 -13.60 3.23 12.79
CA ARG B 26 -13.43 1.80 12.87
C ARG B 26 -12.52 1.36 14.00
N ARG B 27 -11.97 2.30 14.76
CA ARG B 27 -11.06 1.98 15.86
C ARG B 27 -9.87 1.19 15.32
N ILE B 28 -9.34 1.64 14.17
CA ILE B 28 -8.13 1.09 13.60
C ILE B 28 -6.97 1.94 14.08
N GLY B 29 -6.08 1.33 14.87
CA GLY B 29 -4.92 2.04 15.37
C GLY B 29 -4.00 2.48 14.24
N ALA B 30 -3.47 3.68 14.37
CA ALA B 30 -2.63 4.23 13.31
C ALA B 30 -1.62 5.18 13.90
N LEU B 31 -0.49 5.32 13.21
CA LEU B 31 0.65 6.12 13.66
C LEU B 31 1.30 6.66 12.40
N LEU B 32 1.13 7.96 12.17
CA LEU B 32 1.43 8.61 10.89
C LEU B 32 2.26 9.86 11.20
N THR B 33 3.53 9.86 10.82
CA THR B 33 4.43 10.99 11.05
C THR B 33 4.68 11.71 9.74
N ILE B 34 4.52 13.01 9.78
CA ILE B 34 4.77 13.89 8.64
C ILE B 34 6.09 14.59 8.91
N GLU B 35 7.09 14.24 8.12
CA GLU B 35 8.39 14.90 8.16
C GLU B 35 8.24 16.38 7.77
N ARG B 36 8.96 17.24 8.50
CA ARG B 36 8.97 18.67 8.21
C ARG B 36 10.41 19.07 7.86
N ASP B 37 10.98 20.04 8.56
CA ASP B 37 12.32 20.50 8.17
C ASP B 37 13.45 19.65 8.74
N THR B 38 13.24 18.95 9.86
CA THR B 38 14.24 18.03 10.37
C THR B 38 14.13 16.70 9.64
N GLY B 39 15.19 16.31 8.97
CA GLY B 39 15.15 15.10 8.17
C GLY B 39 15.03 13.87 9.07
N MET B 40 14.22 12.93 8.61
CA MET B 40 13.95 11.70 9.35
C MET B 40 14.47 10.44 8.66
N GLY B 41 15.50 10.59 7.84
CA GLY B 41 16.03 9.46 7.10
C GLY B 41 16.39 8.28 7.98
N ASP B 42 16.95 8.53 9.17
CA ASP B 42 17.38 7.43 10.03
C ASP B 42 16.19 6.56 10.46
N TYR B 43 15.03 7.16 10.61
CA TYR B 43 13.83 6.43 10.99
C TYR B 43 13.17 5.79 9.79
N ILE B 44 13.09 6.52 8.68
CA ILE B 44 12.56 5.99 7.40
C ILE B 44 13.27 4.69 7.02
N GLU B 45 14.58 4.61 7.24
CA GLU B 45 15.36 3.47 6.83
C GLU B 45 15.12 2.23 7.67
N THR B 46 14.45 2.35 8.82
CA THR B 46 14.13 1.18 9.63
C THR B 46 12.86 0.49 9.14
N GLY B 47 12.10 1.09 8.26
CA GLY B 47 10.83 0.57 7.78
C GLY B 47 10.96 -0.18 6.47
N ILE B 48 9.80 -0.46 5.89
CA ILE B 48 9.71 -1.08 4.56
C ILE B 48 9.58 0.06 3.57
N PRO B 49 10.52 0.23 2.63
CA PRO B 49 10.39 1.33 1.69
C PRO B 49 9.18 1.21 0.79
N LEU B 50 8.47 2.32 0.58
CA LEU B 50 7.36 2.43 -0.31
C LEU B 50 7.57 3.50 -1.39
N ASN B 51 7.96 4.70 -0.97
CA ASN B 51 8.14 5.83 -1.88
C ASN B 51 6.94 5.97 -2.81
N ALA B 52 5.74 5.89 -2.22
CA ALA B 52 4.50 5.81 -2.94
C ALA B 52 3.75 7.14 -2.94
N LYS B 53 2.98 7.39 -4.01
CA LYS B 53 2.10 8.51 -4.04
C LYS B 53 1.11 8.36 -2.90
N VAL B 54 0.74 9.49 -2.28
CA VAL B 54 -0.22 9.45 -1.20
C VAL B 54 -1.59 9.14 -1.77
N SER B 55 -2.34 8.33 -1.03
CA SER B 55 -3.78 8.26 -1.25
C SER B 55 -4.41 7.82 0.07
N SER B 56 -5.67 8.19 0.25
CA SER B 56 -6.37 7.74 1.45
C SER B 56 -6.49 6.23 1.46
N GLU B 57 -6.72 5.66 0.28
CA GLU B 57 -6.86 4.21 0.14
C GLU B 57 -5.62 3.49 0.58
N LEU B 58 -4.41 3.95 0.18
CA LEU B 58 -3.20 3.26 0.58
C LEU B 58 -2.96 3.43 2.09
N LEU B 59 -3.21 4.64 2.63
CA LEU B 59 -3.01 4.85 4.06
C LEU B 59 -3.88 3.89 4.87
N ILE B 60 -5.15 3.74 4.48
CA ILE B 60 -6.04 2.84 5.22
C ILE B 60 -5.53 1.40 5.11
N ASN B 61 -5.16 0.97 3.90
CA ASN B 61 -4.75 -0.41 3.65
C ASN B 61 -3.53 -0.75 4.51
N ILE B 62 -2.58 0.20 4.66
CA ILE B 62 -1.38 -0.03 5.45
C ILE B 62 -1.71 -0.45 6.88
N PHE B 63 -2.68 0.21 7.52
CA PHE B 63 -2.92 0.03 8.94
C PHE B 63 -3.91 -1.10 9.28
N ILE B 64 -4.37 -1.86 8.30
CA ILE B 64 -5.35 -2.91 8.64
C ILE B 64 -4.71 -3.90 9.60
N PRO B 65 -5.35 -4.24 10.71
CA PRO B 65 -4.69 -5.09 11.71
C PRO B 65 -4.23 -6.43 11.12
N ASN B 66 -3.13 -6.94 11.66
CA ASN B 66 -2.63 -8.28 11.35
C ASN B 66 -2.15 -8.40 9.91
N THR B 67 -1.66 -7.31 9.34
CA THR B 67 -1.04 -7.30 8.02
C THR B 67 0.44 -6.96 8.08
N PRO B 68 1.18 -7.25 7.00
CA PRO B 68 2.64 -7.02 7.04
C PRO B 68 3.07 -5.59 7.34
N LEU B 69 2.31 -4.57 6.94
CA LEU B 69 2.75 -3.18 7.09
C LEU B 69 2.19 -2.46 8.30
N HIS B 70 1.35 -3.08 9.12
CA HIS B 70 0.60 -2.33 10.09
C HIS B 70 1.42 -2.00 11.36
N ASP B 71 2.51 -2.70 11.65
CA ASP B 71 3.18 -2.61 12.95
C ASP B 71 4.34 -1.61 12.95
N GLY B 72 4.05 -0.38 13.32
CA GLY B 72 5.03 0.70 13.37
C GLY B 72 4.49 1.93 12.71
N ALA B 73 5.34 2.90 12.44
CA ALA B 73 4.90 4.18 11.94
C ALA B 73 4.98 4.24 10.41
N VAL B 74 4.05 4.92 9.82
CA VAL B 74 4.17 5.43 8.45
C VAL B 74 4.85 6.79 8.55
N ILE B 75 5.85 7.02 7.72
CA ILE B 75 6.51 8.31 7.63
C ILE B 75 6.28 8.88 6.23
N MET B 76 5.68 10.08 6.17
CA MET B 76 5.39 10.78 4.94
C MET B 76 6.42 11.86 4.72
N LYS B 77 6.83 12.02 3.47
CA LYS B 77 7.81 13.04 3.06
C LYS B 77 7.12 13.80 1.94
N ASN B 78 6.71 15.04 2.25
CA ASN B 78 5.95 15.92 1.37
C ASN B 78 4.74 15.17 0.82
N ASN B 79 4.71 14.78 -0.45
CA ASN B 79 3.49 14.22 -1.02
C ASN B 79 3.66 12.72 -1.26
N GLU B 80 4.50 12.07 -0.50
CA GLU B 80 4.73 10.64 -0.66
C GLU B 80 4.72 9.93 0.68
N ILE B 81 4.31 8.66 0.66
CA ILE B 81 4.46 7.78 1.80
C ILE B 81 5.85 7.17 1.61
N ALA B 82 6.82 7.59 2.42
CA ALA B 82 8.21 7.15 2.25
C ALA B 82 8.37 5.69 2.66
N ALA B 83 7.85 5.30 3.82
CA ALA B 83 8.06 3.96 4.38
C ALA B 83 6.98 3.68 5.40
N ALA B 84 6.72 2.40 5.63
CA ALA B 84 5.80 1.94 6.66
C ALA B 84 6.52 1.01 7.60
N ALA B 85 5.89 0.73 8.75
CA ALA B 85 6.44 -0.18 9.74
C ALA B 85 7.78 0.33 10.27
N CYS B 86 7.85 1.65 10.46
CA CYS B 86 9.08 2.29 10.91
C CYS B 86 9.13 2.35 12.43
N TYR B 87 10.35 2.26 12.94
CA TYR B 87 10.63 2.50 14.35
C TYR B 87 10.65 4.00 14.63
N LEU B 88 10.08 4.39 15.76
CA LEU B 88 10.21 5.70 16.38
C LEU B 88 10.62 5.53 17.83
N PRO B 89 11.39 6.46 18.40
CA PRO B 89 11.83 6.31 19.79
C PRO B 89 10.66 6.57 20.73
N LEU B 90 10.66 5.88 21.87
CA LEU B 90 9.60 6.01 22.85
C LEU B 90 9.91 7.18 23.79
N SER B 91 8.95 8.06 23.97
CA SER B 91 9.09 9.10 25.00
C SER B 91 8.86 8.55 26.39
N GLU B 92 9.56 9.15 27.35
CA GLU B 92 9.34 8.89 28.77
C GLU B 92 8.62 10.05 29.43
N SER B 93 7.99 10.91 28.65
CA SER B 93 7.38 12.10 29.24
C SER B 93 6.29 11.68 30.22
N PRO B 94 6.20 12.32 31.39
CA PRO B 94 5.12 11.98 32.33
C PRO B 94 3.78 12.60 31.95
N PHE B 95 3.72 13.40 30.89
CA PHE B 95 2.51 14.04 30.44
C PHE B 95 1.75 13.23 29.36
N ILE B 96 2.13 11.98 29.19
CA ILE B 96 1.38 11.04 28.36
C ILE B 96 0.42 10.28 29.28
N SER B 97 -0.87 10.38 29.00
CA SER B 97 -1.88 9.71 29.82
C SER B 97 -1.51 8.26 30.04
N LYS B 98 -1.57 7.83 31.29
CA LYS B 98 -1.02 6.54 31.70
C LYS B 98 -1.68 5.37 30.99
N GLU B 99 -2.92 5.52 30.52
CA GLU B 99 -3.61 4.41 29.87
C GLU B 99 -3.19 4.24 28.41
N LEU B 100 -2.42 5.17 27.86
CA LEU B 100 -2.03 5.10 26.46
C LEU B 100 -0.86 4.16 26.26
N GLY B 101 -0.86 3.50 25.10
CA GLY B 101 0.15 2.52 24.76
C GLY B 101 1.26 3.04 23.88
N THR B 102 1.87 2.10 23.14
CA THR B 102 3.17 2.36 22.53
C THR B 102 3.06 3.33 21.37
N ARG B 103 1.95 3.32 20.61
CA ARG B 103 1.84 4.24 19.48
C ARG B 103 1.97 5.67 19.97
N HIS B 104 1.27 6.02 21.06
CA HIS B 104 1.29 7.41 21.52
C HIS B 104 2.65 7.78 22.07
N ARG B 105 3.33 6.85 22.78
CA ARG B 105 4.66 7.11 23.31
C ARG B 105 5.68 7.28 22.19
N ALA B 106 5.55 6.48 21.11
CA ALA B 106 6.43 6.61 19.96
C ALA B 106 6.23 7.96 19.29
N ALA B 107 4.98 8.38 19.14
CA ALA B 107 4.66 9.66 18.53
C ALA B 107 5.28 10.80 19.32
N VAL B 108 5.08 10.83 20.63
CA VAL B 108 5.67 11.90 21.41
C VAL B 108 7.18 11.82 21.31
N GLY B 109 7.73 10.60 21.29
CA GLY B 109 9.18 10.44 21.25
C GLY B 109 9.80 11.05 20.00
N ILE B 110 9.20 10.81 18.82
CA ILE B 110 9.77 11.42 17.63
C ILE B 110 9.57 12.93 17.67
N SER B 111 8.48 13.39 18.26
CA SER B 111 8.22 14.84 18.34
C SER B 111 9.21 15.58 19.27
N GLU B 112 9.93 14.87 20.11
CA GLU B 112 10.94 15.44 20.99
C GLU B 112 12.27 15.71 20.29
N VAL B 113 12.52 15.06 19.16
CA VAL B 113 13.80 15.15 18.45
C VAL B 113 13.66 15.61 17.02
N THR B 114 12.47 16.03 16.60
CA THR B 114 12.20 16.54 15.28
C THR B 114 11.11 17.58 15.38
N ASP B 115 10.95 18.35 14.32
CA ASP B 115 9.81 19.26 14.15
C ASP B 115 8.63 18.60 13.41
N SER B 116 8.59 17.27 13.37
CA SER B 116 7.51 16.58 12.66
C SER B 116 6.18 16.70 13.39
N LEU B 117 5.10 16.42 12.65
CA LEU B 117 3.75 16.36 13.18
C LEU B 117 3.33 14.89 13.06
N THR B 118 2.97 14.26 14.17
CA THR B 118 2.55 12.85 14.17
C THR B 118 1.08 12.77 14.56
N ILE B 119 0.28 12.02 13.80
CA ILE B 119 -1.12 11.74 14.09
C ILE B 119 -1.21 10.33 14.62
N ILE B 120 -2.03 10.12 15.66
CA ILE B 120 -2.25 8.82 16.25
C ILE B 120 -3.75 8.57 16.33
N VAL B 121 -4.18 7.40 15.91
CA VAL B 121 -5.54 6.93 16.16
C VAL B 121 -5.48 5.82 17.19
N SER B 122 -6.27 5.95 18.25
CA SER B 122 -6.33 4.93 19.30
C SER B 122 -7.16 3.74 18.84
N GLU B 123 -6.59 2.52 18.98
CA GLU B 123 -7.36 1.30 18.73
C GLU B 123 -8.36 1.02 19.85
N GLU B 124 -8.22 1.67 20.99
CA GLU B 124 -9.15 1.46 22.08
C GLU B 124 -10.41 2.30 21.93
N THR B 125 -10.24 3.59 21.64
CA THR B 125 -11.35 4.54 21.68
C THR B 125 -11.68 5.13 20.33
N GLY B 126 -10.78 5.02 19.36
CA GLY B 126 -10.94 5.76 18.12
C GLY B 126 -10.56 7.23 18.22
N GLY B 127 -10.13 7.68 19.39
CA GLY B 127 -9.72 9.08 19.51
C GLY B 127 -8.50 9.39 18.67
N VAL B 128 -8.47 10.61 18.16
CA VAL B 128 -7.38 11.12 17.33
C VAL B 128 -6.56 12.12 18.12
N SER B 129 -5.25 11.96 18.11
CA SER B 129 -4.31 12.84 18.79
C SER B 129 -3.23 13.25 17.83
N VAL B 130 -2.50 14.30 18.23
CA VAL B 130 -1.33 14.77 17.51
C VAL B 130 -0.21 15.03 18.48
N ALA B 131 0.99 14.60 18.13
CA ALA B 131 2.18 14.90 18.84
C ALA B 131 3.05 15.88 18.08
N LYS B 132 3.45 16.95 18.75
CA LYS B 132 4.29 17.98 18.17
C LYS B 132 5.09 18.62 19.30
N ASN B 133 6.38 18.76 19.08
CA ASN B 133 7.24 19.47 20.03
C ASN B 133 7.13 18.94 21.44
N GLY B 134 7.05 17.62 21.60
CA GLY B 134 7.05 16.98 22.89
C GLY B 134 5.71 16.93 23.61
N ASP B 135 4.67 17.51 23.02
CA ASP B 135 3.34 17.56 23.63
C ASP B 135 2.38 16.67 22.85
N LEU B 136 1.46 16.03 23.57
CA LEU B 136 0.37 15.27 22.99
C LEU B 136 -0.96 16.02 23.16
N HIS B 137 -1.66 16.21 22.08
CA HIS B 137 -2.93 16.90 22.00
C HIS B 137 -4.03 15.90 21.63
N ARG B 138 -4.90 15.57 22.58
CA ARG B 138 -5.81 14.43 22.45
C ARG B 138 -7.22 14.87 22.04
N GLU B 139 -8.00 13.86 21.62
CA GLU B 139 -9.42 13.98 21.40
C GLU B 139 -9.75 15.06 20.39
N LEU B 140 -9.02 15.09 19.28
CA LEU B 140 -9.25 16.12 18.30
C LEU B 140 -10.49 15.88 17.45
N THR B 141 -11.24 16.94 17.18
CA THR B 141 -12.29 16.91 16.18
C THR B 141 -11.66 16.85 14.79
N GLU B 142 -12.50 16.49 13.81
CA GLU B 142 -12.01 16.46 12.44
C GLU B 142 -11.57 17.83 12.01
N GLU B 143 -12.32 18.86 12.42
CA GLU B 143 -11.98 20.21 12.01
C GLU B 143 -10.66 20.65 12.63
N ALA B 144 -10.42 20.27 13.89
CA ALA B 144 -9.17 20.67 14.53
C ALA B 144 -7.98 20.00 13.87
N LEU B 145 -8.12 18.72 13.51
CA LEU B 145 -7.00 18.05 12.83
C LEU B 145 -6.71 18.72 11.50
N LYS B 146 -7.74 18.97 10.70
CA LYS B 146 -7.56 19.60 9.39
C LYS B 146 -6.87 20.93 9.51
N GLU B 147 -7.32 21.76 10.46
CA GLU B 147 -6.68 23.06 10.68
C GLU B 147 -5.24 22.91 11.13
N MET B 148 -4.94 21.94 12.00
CA MET B 148 -3.55 21.73 12.39
C MET B 148 -2.70 21.43 11.18
N LEU B 149 -3.21 20.58 10.28
CA LEU B 149 -2.43 20.21 9.11
C LEU B 149 -2.25 21.38 8.18
N GLU B 150 -3.33 22.13 7.94
CA GLU B 150 -3.24 23.29 7.06
C GLU B 150 -2.25 24.30 7.61
N ALA B 151 -2.22 24.48 8.94
CA ALA B 151 -1.31 25.45 9.53
C ALA B 151 0.13 24.95 9.46
N GLU B 152 0.30 23.65 9.60
CA GLU B 152 1.62 23.04 9.47
C GLU B 152 2.16 23.25 8.07
N PHE B 153 1.33 23.03 7.05
CA PHE B 153 1.76 23.11 5.66
C PHE B 153 1.75 24.52 5.10
N LYS B 154 1.36 25.53 5.89
CA LYS B 154 1.41 26.92 5.42
C LYS B 154 2.82 27.28 5.02
#